data_4EMD
#
_entry.id   4EMD
#
_cell.length_a   46.440
_cell.length_b   109.930
_cell.length_c   53.100
_cell.angle_alpha   90.000
_cell.angle_beta   90.000
_cell.angle_gamma   90.000
#
_symmetry.space_group_name_H-M   'P 21 21 2'
#
loop_
_entity.id
_entity.type
_entity.pdbx_description
1 polymer '4-diphosphocytidyl-2-C-methyl-D-erythritol kinase'
2 non-polymer "CYTIDINE-5'-MONOPHOSPHATE"
3 non-polymer 'SULFATE ION'
4 water water
#
_entity_poly.entity_id   1
_entity_poly.type   'polypeptide(L)'
_entity_poly.pdbx_seq_one_letter_code
;GPGSMSETVSDWVPTGAVTVRAPGKVNLYLAVGDLRDDGYHELTTVFHAVSLADDVTVRDADVLSIDVVGQGEGTVPTDE
RNLAWQAAELFADHVGRAPDVSIFINKDIPVAGGMAGGSADAAAVLVAMNELWHAGVPRRDLHHLAAQLGSDVPFALHGG
TALGTGRGEQLATVLARNVFHWVFAFADGGLATPQVFKEIDRLRENGDPPRLAEADELLGALAAGDARRLAPLLGNELQA
AAVSLNPELRRTLRAGESAGALAGIVSGSGPTCAFLCTSADDAVQVSAELAGAGVCRTVRVASGPVHGAQVIQGRSDG
;
_entity_poly.pdbx_strand_id   A
#
# COMPACT_ATOMS: atom_id res chain seq x y z
N GLY A 16 8.67 7.42 -27.14
CA GLY A 16 7.53 6.44 -27.30
C GLY A 16 7.34 5.51 -26.09
N ALA A 17 7.96 5.88 -24.97
CA ALA A 17 7.79 5.12 -23.72
C ALA A 17 7.00 6.08 -22.81
N VAL A 18 6.15 5.53 -21.95
CA VAL A 18 5.51 6.31 -20.91
C VAL A 18 5.91 5.73 -19.57
N THR A 19 6.35 6.60 -18.63
CA THR A 19 6.69 6.17 -17.29
C THR A 19 5.69 6.79 -16.33
N VAL A 20 5.15 5.94 -15.47
CA VAL A 20 4.16 6.34 -14.46
C VAL A 20 4.67 5.93 -13.10
N ARG A 21 4.59 6.86 -12.12
CA ARG A 21 4.93 6.61 -10.75
C ARG A 21 3.65 6.34 -9.97
N ALA A 22 3.63 5.24 -9.20
CA ALA A 22 2.50 4.94 -8.36
C ALA A 22 2.95 4.66 -6.95
N PRO A 23 2.25 5.23 -5.97
CA PRO A 23 2.71 5.14 -4.61
C PRO A 23 2.38 3.84 -3.82
N GLY A 24 3.23 3.52 -2.85
CA GLY A 24 2.89 2.57 -1.81
C GLY A 24 1.90 3.22 -0.84
N LYS A 25 1.23 2.39 -0.07
CA LYS A 25 0.27 2.89 0.92
C LYS A 25 0.60 2.38 2.29
N VAL A 26 0.06 3.09 3.27
CA VAL A 26 -0.03 2.61 4.65
C VAL A 26 -1.48 2.80 5.07
N ASN A 27 -2.01 1.85 5.81
CA ASN A 27 -3.37 2.03 6.38
C ASN A 27 -3.22 2.71 7.74
N LEU A 28 -3.69 3.95 7.82
CA LEU A 28 -3.63 4.68 9.10
C LEU A 28 -4.62 4.10 10.08
N TYR A 29 -5.70 3.56 9.51
CA TYR A 29 -6.83 3.00 10.23
C TYR A 29 -7.31 1.81 9.41
N LEU A 30 -7.50 0.67 10.04
CA LEU A 30 -7.99 -0.51 9.33
C LEU A 30 -8.83 -1.34 10.27
N ALA A 31 -10.15 -1.24 10.11
CA ALA A 31 -11.13 -2.07 10.83
C ALA A 31 -11.62 -3.17 9.89
N VAL A 32 -11.56 -4.40 10.37
CA VAL A 32 -11.90 -5.58 9.56
C VAL A 32 -13.20 -6.15 10.09
N GLY A 33 -14.16 -6.32 9.21
CA GLY A 33 -15.48 -6.83 9.59
C GLY A 33 -15.63 -8.29 9.26
N ASP A 34 -16.87 -8.67 8.96
CA ASP A 34 -17.22 -10.01 8.63
C ASP A 34 -16.82 -10.43 7.22
N LEU A 35 -16.60 -11.74 7.09
CA LEU A 35 -16.40 -12.42 5.80
C LEU A 35 -17.71 -12.38 4.97
N ARG A 36 -17.63 -11.84 3.76
CA ARG A 36 -18.79 -11.66 2.86
C ARG A 36 -19.00 -12.91 1.98
N ASP A 37 -20.18 -12.96 1.34
CA ASP A 37 -20.48 -13.96 0.30
C ASP A 37 -19.34 -14.07 -0.74
N ASP A 38 -18.86 -12.94 -1.26
CA ASP A 38 -17.79 -12.95 -2.29
C ASP A 38 -16.40 -13.43 -1.83
N GLY A 39 -16.23 -13.83 -0.56
CA GLY A 39 -14.93 -14.33 -0.04
C GLY A 39 -13.98 -13.22 0.47
N TYR A 40 -14.41 -11.97 0.35
CA TYR A 40 -13.70 -10.82 0.94
C TYR A 40 -14.30 -10.45 2.30
N HIS A 41 -13.49 -9.75 3.10
CA HIS A 41 -13.99 -9.17 4.32
C HIS A 41 -14.48 -7.76 4.08
N GLU A 42 -15.57 -7.40 4.74
CA GLU A 42 -16.01 -6.03 4.77
C GLU A 42 -14.97 -5.26 5.58
N LEU A 43 -14.64 -4.06 5.15
CA LEU A 43 -13.71 -3.29 5.95
C LEU A 43 -13.95 -1.78 5.86
N THR A 44 -13.36 -1.06 6.82
CA THR A 44 -13.29 0.37 6.77
C THR A 44 -11.86 0.75 7.01
N THR A 45 -11.27 1.48 6.08
CA THR A 45 -9.86 1.81 6.21
C THR A 45 -9.62 3.27 5.84
N VAL A 46 -8.57 3.86 6.43
CA VAL A 46 -8.02 5.12 5.93
C VAL A 46 -6.65 4.86 5.28
N PHE A 47 -6.64 4.90 3.94
CA PHE A 47 -5.46 4.71 3.11
C PHE A 47 -4.70 6.01 3.08
N HIS A 48 -3.38 5.93 3.02
CA HIS A 48 -2.51 7.09 2.95
C HIS A 48 -1.37 6.73 2.02
N ALA A 49 -1.21 7.50 0.94
CA ALA A 49 -0.19 7.26 -0.05
C ALA A 49 1.10 7.98 0.32
N VAL A 50 2.21 7.26 0.20
CA VAL A 50 3.51 7.77 0.59
C VAL A 50 4.52 7.72 -0.56
N SER A 51 5.63 8.44 -0.36
CA SER A 51 6.64 8.67 -1.36
C SER A 51 7.53 7.48 -1.67
N LEU A 52 7.31 6.34 -1.02
CA LEU A 52 7.97 5.10 -1.42
C LEU A 52 7.08 4.55 -2.57
N ALA A 53 7.60 4.56 -3.79
CA ALA A 53 6.81 4.37 -4.97
C ALA A 53 7.48 3.41 -5.95
N ASP A 54 6.69 2.88 -6.88
CA ASP A 54 7.22 2.18 -8.02
C ASP A 54 7.08 3.03 -9.26
N ASP A 55 8.08 2.93 -10.16
CA ASP A 55 8.06 3.60 -11.45
C ASP A 55 7.93 2.54 -12.54
N VAL A 56 6.93 2.71 -13.36
CA VAL A 56 6.61 1.71 -14.38
C VAL A 56 6.71 2.33 -15.75
N THR A 57 7.59 1.77 -16.60
CA THR A 57 7.79 2.26 -17.95
C THR A 57 7.18 1.28 -18.92
N VAL A 58 6.23 1.79 -19.74
CA VAL A 58 5.50 0.96 -20.69
C VAL A 58 5.82 1.45 -22.13
N ARG A 59 6.14 0.49 -22.99
CA ARG A 59 6.49 0.78 -24.40
C ARG A 59 5.63 -0.13 -25.27
N ASP A 60 5.36 0.29 -26.51
CA ASP A 60 4.76 -0.61 -27.48
C ASP A 60 5.82 -1.69 -27.74
N ALA A 61 5.36 -2.92 -27.94
CA ALA A 61 6.25 -4.05 -28.19
C ALA A 61 5.50 -5.11 -28.97
N ASP A 62 6.18 -6.16 -29.38
CA ASP A 62 5.57 -7.22 -30.17
C ASP A 62 4.79 -8.19 -29.30
N VAL A 63 5.12 -8.28 -28.02
CA VAL A 63 4.38 -9.20 -27.14
C VAL A 63 4.32 -8.56 -25.77
N LEU A 64 3.41 -9.04 -24.94
CA LEU A 64 3.35 -8.64 -23.51
C LEU A 64 4.51 -9.22 -22.68
N SER A 65 5.25 -8.36 -21.98
CA SER A 65 6.31 -8.83 -21.10
C SER A 65 6.49 -7.88 -19.93
N ILE A 66 7.03 -8.43 -18.86
CA ILE A 66 7.31 -7.70 -17.62
C ILE A 66 8.75 -7.94 -17.19
N ASP A 67 9.42 -6.90 -16.74
CA ASP A 67 10.76 -7.01 -16.10
C ASP A 67 10.76 -6.13 -14.85
N VAL A 68 11.57 -6.54 -13.85
CA VAL A 68 11.56 -5.86 -12.55
C VAL A 68 12.98 -5.65 -12.07
N VAL A 69 13.27 -4.45 -11.56
CA VAL A 69 14.48 -4.17 -10.81
C VAL A 69 14.07 -3.55 -9.50
N GLY A 70 15.03 -3.48 -8.57
CA GLY A 70 14.76 -2.95 -7.24
C GLY A 70 14.25 -4.07 -6.32
N GLN A 71 13.30 -3.73 -5.44
CA GLN A 71 12.70 -4.75 -4.54
C GLN A 71 12.13 -5.89 -5.37
N GLY A 72 12.49 -7.13 -5.03
CA GLY A 72 11.98 -8.28 -5.77
C GLY A 72 12.70 -8.56 -7.07
N GLU A 73 13.79 -7.86 -7.35
CA GLU A 73 14.54 -8.09 -8.58
C GLU A 73 14.84 -9.58 -8.80
N GLY A 74 15.29 -10.30 -7.79
CA GLY A 74 15.52 -11.76 -8.03
C GLY A 74 14.29 -12.66 -8.26
N THR A 75 13.13 -12.13 -7.92
CA THR A 75 12.13 -12.74 -7.04
C THR A 75 10.76 -12.75 -7.64
N VAL A 76 10.28 -11.53 -7.91
CA VAL A 76 8.93 -11.24 -8.32
C VAL A 76 8.67 -11.89 -9.66
N PRO A 77 7.58 -12.66 -9.78
CA PRO A 77 7.25 -13.27 -11.08
C PRO A 77 6.99 -12.24 -12.18
N THR A 78 7.34 -12.60 -13.41
CA THR A 78 7.11 -11.73 -14.56
C THR A 78 6.14 -12.34 -15.59
N ASP A 79 5.47 -13.41 -15.20
CA ASP A 79 4.39 -14.05 -16.00
C ASP A 79 2.99 -13.64 -15.52
N GLU A 80 1.98 -14.47 -15.76
CA GLU A 80 0.61 -14.11 -15.39
C GLU A 80 0.39 -14.06 -13.88
N ARG A 81 1.37 -14.47 -13.09
CA ARG A 81 1.26 -14.30 -11.63
C ARG A 81 1.29 -12.81 -11.28
N ASN A 82 1.91 -12.02 -12.14
CA ASN A 82 2.10 -10.60 -11.85
C ASN A 82 0.81 -9.81 -12.12
N LEU A 83 0.33 -9.04 -11.13
CA LEU A 83 -0.92 -8.30 -11.29
C LEU A 83 -0.80 -7.31 -12.46
N ALA A 84 0.40 -6.87 -12.78
CA ALA A 84 0.58 -5.95 -13.91
C ALA A 84 0.23 -6.62 -15.24
N TRP A 85 0.41 -7.95 -15.32
CA TRP A 85 0.03 -8.69 -16.52
C TRP A 85 -1.47 -8.58 -16.73
N GLN A 86 -2.18 -8.86 -15.63
CA GLN A 86 -3.60 -8.90 -15.69
CA GLN A 86 -3.64 -8.79 -15.54
C GLN A 86 -4.12 -7.43 -15.97
N ALA A 87 -3.46 -6.40 -15.43
CA ALA A 87 -3.84 -5.03 -15.71
C ALA A 87 -3.70 -4.71 -17.21
N ALA A 88 -2.61 -5.16 -17.82
CA ALA A 88 -2.38 -4.90 -19.27
C ALA A 88 -3.44 -5.62 -20.12
N GLU A 89 -3.75 -6.87 -19.74
CA GLU A 89 -4.77 -7.65 -20.48
C GLU A 89 -6.13 -6.98 -20.36
N LEU A 90 -6.46 -6.52 -19.15
CA LEU A 90 -7.79 -5.95 -18.89
C LEU A 90 -7.95 -4.62 -19.62
N PHE A 91 -6.92 -3.77 -19.57
CA PHE A 91 -6.98 -2.47 -20.23
C PHE A 91 -7.10 -2.65 -21.76
N ALA A 92 -6.29 -3.56 -22.29
CA ALA A 92 -6.27 -3.79 -23.76
C ALA A 92 -7.63 -4.26 -24.24
N ASP A 93 -8.22 -5.15 -23.46
CA ASP A 93 -9.50 -5.68 -23.79
C ASP A 93 -10.59 -4.58 -23.72
N HIS A 94 -10.51 -3.74 -22.69
CA HIS A 94 -11.38 -2.58 -22.61
C HIS A 94 -11.35 -1.70 -23.84
N VAL A 95 -10.16 -1.49 -24.42
CA VAL A 95 -10.03 -0.54 -25.51
C VAL A 95 -10.04 -1.23 -26.90
N GLY A 96 -10.11 -2.56 -26.92
CA GLY A 96 -10.23 -3.33 -28.16
C GLY A 96 -8.91 -3.50 -28.91
N ARG A 97 -7.85 -3.78 -28.16
CA ARG A 97 -6.53 -3.95 -28.71
C ARG A 97 -5.85 -5.11 -28.03
N ALA A 98 -4.79 -5.63 -28.65
CA ALA A 98 -3.94 -6.63 -28.03
C ALA A 98 -3.00 -5.93 -27.06
N PRO A 99 -2.70 -6.60 -25.93
CA PRO A 99 -1.81 -6.02 -24.89
C PRO A 99 -0.33 -6.11 -25.28
N ASP A 100 0.01 -5.56 -26.45
CA ASP A 100 1.37 -5.68 -26.98
C ASP A 100 2.23 -4.54 -26.41
N VAL A 101 2.62 -4.71 -25.15
CA VAL A 101 3.38 -3.71 -24.43
C VAL A 101 4.42 -4.37 -23.59
N SER A 102 5.59 -3.75 -23.49
CA SER A 102 6.61 -4.18 -22.53
C SER A 102 6.44 -3.30 -21.28
N ILE A 103 6.60 -3.90 -20.12
CA ILE A 103 6.36 -3.24 -18.83
C ILE A 103 7.60 -3.44 -17.99
N PHE A 104 8.25 -2.34 -17.64
CA PHE A 104 9.45 -2.35 -16.84
C PHE A 104 9.13 -1.70 -15.48
N ILE A 105 9.29 -2.46 -14.42
CA ILE A 105 8.94 -1.99 -13.07
C ILE A 105 10.18 -1.76 -12.23
N ASN A 106 10.41 -0.53 -11.84
CA ASN A 106 11.54 -0.19 -10.96
C ASN A 106 10.94 0.02 -9.57
N LYS A 107 11.11 -0.96 -8.69
CA LYS A 107 10.30 -1.07 -7.47
C LYS A 107 11.04 -0.58 -6.22
N ASP A 108 10.46 0.34 -5.49
CA ASP A 108 10.91 0.65 -4.13
C ASP A 108 9.91 0.11 -3.09
N ILE A 109 8.70 -0.29 -3.51
CA ILE A 109 7.70 -0.75 -2.55
C ILE A 109 8.07 -2.21 -2.20
N PRO A 110 8.10 -2.57 -0.91
CA PRO A 110 8.56 -3.93 -0.55
C PRO A 110 7.60 -5.02 -1.10
N VAL A 111 8.16 -6.19 -1.41
CA VAL A 111 7.37 -7.31 -1.90
C VAL A 111 6.64 -8.04 -0.74
N ALA A 112 5.34 -8.23 -0.89
CA ALA A 112 4.50 -8.96 0.08
C ALA A 112 4.69 -8.33 1.48
N GLY A 113 4.64 -7.00 1.50
CA GLY A 113 5.04 -6.21 2.64
C GLY A 113 3.93 -5.41 3.31
N GLY A 114 2.73 -5.44 2.76
CA GLY A 114 1.61 -4.66 3.35
C GLY A 114 1.42 -3.27 2.79
N MET A 115 2.15 -2.92 1.72
CA MET A 115 2.12 -1.57 1.15
C MET A 115 1.55 -1.55 -0.27
N ALA A 116 1.02 -2.69 -0.70
CA ALA A 116 0.28 -2.84 -1.97
C ALA A 116 1.15 -2.44 -3.19
N GLY A 117 2.36 -2.99 -3.28
CA GLY A 117 3.21 -2.72 -4.40
C GLY A 117 2.73 -3.27 -5.71
N GLY A 118 2.17 -4.48 -5.72
CA GLY A 118 1.64 -5.09 -6.97
C GLY A 118 0.45 -4.26 -7.48
N SER A 119 -0.35 -3.76 -6.53
CA SER A 119 -1.46 -2.90 -6.84
C SER A 119 -1.04 -1.59 -7.43
N ALA A 120 0.04 -1.02 -6.89
CA ALA A 120 0.63 0.21 -7.44
C ALA A 120 1.05 -0.04 -8.90
N ASP A 121 1.67 -1.20 -9.12
CA ASP A 121 2.21 -1.53 -10.45
C ASP A 121 1.06 -1.66 -11.43
N ALA A 122 -0.02 -2.35 -11.01
CA ALA A 122 -1.21 -2.50 -11.84
C ALA A 122 -1.91 -1.18 -12.17
N ALA A 123 -2.08 -0.31 -11.17
CA ALA A 123 -2.56 1.05 -11.40
C ALA A 123 -1.71 1.80 -12.39
N ALA A 124 -0.38 1.76 -12.21
CA ALA A 124 0.55 2.39 -13.12
C ALA A 124 0.41 1.92 -14.57
N VAL A 125 0.19 0.63 -14.77
CA VAL A 125 0.01 0.07 -16.10
C VAL A 125 -1.24 0.63 -16.77
N LEU A 126 -2.35 0.68 -16.03
CA LEU A 126 -3.58 1.30 -16.55
C LEU A 126 -3.36 2.76 -17.06
N VAL A 127 -2.71 3.55 -16.22
CA VAL A 127 -2.48 4.95 -16.53
C VAL A 127 -1.48 5.08 -17.68
N ALA A 128 -0.41 4.28 -17.62
CA ALA A 128 0.66 4.34 -18.67
C ALA A 128 0.11 3.94 -20.04
N MET A 129 -0.71 2.87 -20.08
CA MET A 129 -1.27 2.38 -21.37
C MET A 129 -2.30 3.39 -21.92
N ASN A 130 -3.10 3.97 -21.03
CA ASN A 130 -3.99 5.05 -21.41
C ASN A 130 -3.25 6.19 -22.11
N GLU A 131 -2.13 6.62 -21.56
CA GLU A 131 -1.35 7.69 -22.15
C GLU A 131 -0.63 7.21 -23.40
N LEU A 132 -0.01 6.02 -23.33
CA LEU A 132 0.77 5.48 -24.47
C LEU A 132 -0.09 5.44 -25.74
N TRP A 133 -1.35 5.07 -25.56
CA TRP A 133 -2.25 4.82 -26.68
C TRP A 133 -3.16 6.00 -26.91
N HIS A 134 -3.07 7.01 -26.05
CA HIS A 134 -4.00 8.16 -26.06
C HIS A 134 -5.39 7.71 -26.14
N ALA A 135 -5.76 6.80 -25.24
CA ALA A 135 -7.01 6.11 -25.31
C ALA A 135 -8.13 6.97 -24.71
N GLY A 136 -7.76 8.03 -23.98
CA GLY A 136 -8.71 8.92 -23.35
C GLY A 136 -9.74 8.27 -22.45
N VAL A 137 -9.39 7.15 -21.80
CA VAL A 137 -10.27 6.45 -20.87
C VAL A 137 -10.35 7.27 -19.57
N PRO A 138 -11.59 7.56 -19.10
CA PRO A 138 -11.71 8.53 -17.99
C PRO A 138 -11.39 7.90 -16.64
N ARG A 139 -11.16 8.76 -15.65
CA ARG A 139 -10.86 8.29 -14.29
C ARG A 139 -11.89 7.27 -13.74
N ARG A 140 -13.18 7.55 -13.91
CA ARG A 140 -14.24 6.66 -13.41
C ARG A 140 -14.12 5.26 -14.00
N ASP A 141 -13.72 5.17 -15.27
CA ASP A 141 -13.56 3.89 -15.92
C ASP A 141 -12.27 3.19 -15.48
N LEU A 142 -11.21 3.96 -15.23
CA LEU A 142 -9.96 3.38 -14.77
C LEU A 142 -10.20 2.82 -13.35
N HIS A 143 -11.02 3.52 -12.58
CA HIS A 143 -11.38 3.05 -11.26
C HIS A 143 -12.10 1.73 -11.29
N HIS A 144 -13.09 1.59 -12.18
CA HIS A 144 -13.79 0.31 -12.34
C HIS A 144 -12.86 -0.83 -12.71
N LEU A 145 -11.92 -0.57 -13.62
CA LEU A 145 -10.95 -1.61 -14.01
C LEU A 145 -10.08 -1.97 -12.82
N ALA A 146 -9.61 -0.96 -12.09
CA ALA A 146 -8.81 -1.19 -10.88
C ALA A 146 -9.51 -2.09 -9.89
N ALA A 147 -10.80 -1.85 -9.67
CA ALA A 147 -11.57 -2.67 -8.73
C ALA A 147 -11.67 -4.11 -9.14
N GLN A 148 -11.65 -4.38 -10.45
CA GLN A 148 -11.65 -5.77 -10.94
C GLN A 148 -10.30 -6.45 -10.64
N LEU A 149 -9.22 -5.67 -10.62
CA LEU A 149 -7.88 -6.21 -10.43
C LEU A 149 -7.57 -6.56 -9.00
N GLY A 150 -8.03 -5.75 -8.05
CA GLY A 150 -7.75 -6.00 -6.66
C GLY A 150 -8.27 -4.90 -5.76
N SER A 151 -8.43 -5.23 -4.48
CA SER A 151 -9.00 -4.33 -3.47
C SER A 151 -8.18 -3.07 -3.24
N ASP A 152 -6.87 -3.15 -3.43
CA ASP A 152 -6.01 -1.97 -3.21
C ASP A 152 -5.69 -1.21 -4.50
N VAL A 153 -6.06 -1.74 -5.65
CA VAL A 153 -5.68 -1.03 -6.90
C VAL A 153 -6.38 0.33 -7.03
N PRO A 154 -7.67 0.44 -6.65
CA PRO A 154 -8.27 1.75 -6.81
C PRO A 154 -7.52 2.83 -5.99
N PHE A 155 -7.10 2.50 -4.76
CA PHE A 155 -6.41 3.52 -3.99
C PHE A 155 -5.09 3.92 -4.67
N ALA A 156 -4.37 2.96 -5.25
CA ALA A 156 -3.12 3.31 -5.90
C ALA A 156 -3.34 4.28 -7.07
N LEU A 157 -4.48 4.20 -7.77
CA LEU A 157 -4.87 5.24 -8.75
C LEU A 157 -5.19 6.56 -8.09
N HIS A 158 -5.89 6.48 -6.97
CA HIS A 158 -6.45 7.67 -6.32
C HIS A 158 -5.41 8.49 -5.59
N GLY A 159 -4.59 7.81 -4.78
CA GLY A 159 -3.55 8.46 -3.92
C GLY A 159 -4.13 9.38 -2.88
N GLY A 160 -3.27 10.31 -2.39
CA GLY A 160 -3.62 11.13 -1.25
C GLY A 160 -3.93 10.36 -0.01
N THR A 161 -5.08 10.68 0.61
CA THR A 161 -5.57 9.98 1.80
C THR A 161 -7.06 9.77 1.57
N ALA A 162 -7.56 8.57 1.87
CA ALA A 162 -8.95 8.28 1.54
C ALA A 162 -9.55 7.28 2.44
N LEU A 163 -10.85 7.41 2.61
CA LEU A 163 -11.66 6.45 3.36
C LEU A 163 -12.12 5.35 2.38
N GLY A 164 -11.67 4.12 2.68
CA GLY A 164 -11.97 2.97 1.87
C GLY A 164 -13.03 2.12 2.55
N THR A 165 -14.13 1.83 1.85
CA THR A 165 -15.15 0.96 2.39
C THR A 165 -15.48 -0.17 1.44
N GLY A 166 -16.51 -0.95 1.75
CA GLY A 166 -16.74 -2.20 1.02
C GLY A 166 -15.63 -3.19 1.32
N ARG A 167 -14.96 -3.67 0.28
CA ARG A 167 -13.74 -4.47 0.42
C ARG A 167 -12.50 -3.60 0.48
N GLY A 168 -12.68 -2.27 0.39
CA GLY A 168 -11.57 -1.30 0.28
C GLY A 168 -11.56 -0.55 -1.07
N GLU A 169 -12.42 -0.97 -2.00
CA GLU A 169 -12.42 -0.43 -3.35
C GLU A 169 -13.27 0.83 -3.46
N GLN A 170 -14.19 1.05 -2.52
CA GLN A 170 -15.00 2.29 -2.54
C GLN A 170 -14.28 3.39 -1.77
N LEU A 171 -13.99 4.52 -2.44
CA LEU A 171 -13.13 5.55 -1.86
C LEU A 171 -13.84 6.89 -1.73
N ALA A 172 -13.62 7.52 -0.60
CA ALA A 172 -14.02 8.90 -0.39
C ALA A 172 -12.82 9.64 0.16
N THR A 173 -12.36 10.63 -0.59
CA THR A 173 -11.18 11.37 -0.23
C THR A 173 -11.34 12.08 1.10
N VAL A 174 -10.27 12.08 1.90
CA VAL A 174 -10.21 12.82 3.16
C VAL A 174 -9.04 13.83 3.14
N LEU A 175 -9.14 14.86 3.97
CA LEU A 175 -8.11 15.88 4.07
C LEU A 175 -7.03 15.43 5.04
N ALA A 176 -5.78 15.50 4.60
CA ALA A 176 -4.63 15.31 5.49
C ALA A 176 -3.85 16.61 5.38
N ARG A 177 -4.13 17.54 6.27
CA ARG A 177 -3.72 18.95 6.06
C ARG A 177 -2.31 19.28 6.56
N ASN A 178 -1.34 18.48 6.11
CA ASN A 178 0.08 18.72 6.37
C ASN A 178 0.89 17.73 5.54
N VAL A 179 2.20 17.81 5.65
CA VAL A 179 3.09 16.74 5.26
C VAL A 179 3.40 15.90 6.50
N PHE A 180 3.21 14.60 6.35
CA PHE A 180 3.40 13.65 7.40
C PHE A 180 4.63 12.84 7.07
N HIS A 181 5.44 12.62 8.10
CA HIS A 181 6.78 12.08 7.93
C HIS A 181 6.88 10.70 8.50
N TRP A 182 7.40 9.78 7.70
CA TRP A 182 7.35 8.33 7.98
C TRP A 182 8.69 7.66 7.93
N VAL A 183 8.86 6.62 8.73
CA VAL A 183 9.94 5.68 8.55
C VAL A 183 9.28 4.31 8.32
N PHE A 184 9.76 3.56 7.34
CA PHE A 184 9.27 2.21 7.08
C PHE A 184 10.40 1.20 7.32
N ALA A 185 10.09 0.13 8.03
CA ALA A 185 11.06 -0.91 8.37
C ALA A 185 10.66 -2.14 7.61
N PHE A 186 11.46 -2.51 6.62
CA PHE A 186 11.16 -3.67 5.82
C PHE A 186 11.61 -4.91 6.59
N ALA A 187 10.84 -5.99 6.46
CA ALA A 187 11.12 -7.23 7.16
C ALA A 187 12.06 -8.12 6.31
N ASP A 188 12.60 -9.17 6.91
CA ASP A 188 13.40 -10.14 6.18
C ASP A 188 12.64 -10.91 5.10
N GLY A 189 11.38 -11.16 5.35
CA GLY A 189 10.51 -11.86 4.39
C GLY A 189 9.20 -11.09 4.13
N GLY A 190 8.17 -11.85 3.76
CA GLY A 190 6.88 -11.28 3.37
C GLY A 190 5.79 -12.06 4.03
N LEU A 191 4.55 -11.59 3.89
CA LEU A 191 3.37 -12.30 4.38
C LEU A 191 2.35 -12.32 3.28
N ALA A 192 1.62 -13.44 3.14
CA ALA A 192 0.58 -13.54 2.15
C ALA A 192 -0.67 -12.92 2.74
N THR A 193 -1.21 -11.93 2.04
CA THR A 193 -2.42 -11.23 2.50
C THR A 193 -3.57 -12.19 2.85
N PRO A 194 -3.87 -13.19 2.01
CA PRO A 194 -4.94 -14.08 2.49
C PRO A 194 -4.67 -14.84 3.81
N GLN A 195 -3.41 -15.18 4.09
CA GLN A 195 -3.09 -15.84 5.37
C GLN A 195 -3.35 -14.92 6.55
N VAL A 196 -3.07 -13.63 6.39
CA VAL A 196 -3.25 -12.66 7.48
C VAL A 196 -4.72 -12.44 7.77
N PHE A 197 -5.55 -12.39 6.70
CA PHE A 197 -7.01 -12.31 6.92
C PHE A 197 -7.52 -13.61 7.52
N LYS A 198 -6.99 -14.75 7.13
CA LYS A 198 -7.43 -16.01 7.76
C LYS A 198 -7.07 -15.99 9.25
N GLU A 199 -5.89 -15.42 9.56
CA GLU A 199 -5.42 -15.42 10.94
C GLU A 199 -6.27 -14.47 11.82
N ILE A 200 -6.67 -13.31 11.30
CA ILE A 200 -7.57 -12.49 12.10
C ILE A 200 -8.89 -13.23 12.39
N ASP A 201 -9.44 -13.93 11.41
CA ASP A 201 -10.63 -14.77 11.60
C ASP A 201 -10.40 -15.79 12.69
N ARG A 202 -9.24 -16.46 12.66
CA ARG A 202 -8.91 -17.47 13.68
CA ARG A 202 -8.91 -17.45 13.68
C ARG A 202 -8.84 -16.84 15.09
N LEU A 203 -8.18 -15.69 15.19
CA LEU A 203 -8.02 -15.03 16.46
C LEU A 203 -9.40 -14.68 17.01
N ARG A 204 -10.31 -14.30 16.13
CA ARG A 204 -11.65 -13.92 16.54
C ARG A 204 -12.57 -15.09 16.90
N GLU A 205 -12.28 -16.23 16.29
CA GLU A 205 -12.97 -17.47 16.62
C GLU A 205 -12.60 -17.78 18.05
N ASN A 206 -11.32 -17.60 18.36
CA ASN A 206 -10.76 -17.99 19.67
CA ASN A 206 -10.78 -17.96 19.64
C ASN A 206 -11.12 -17.04 20.83
N GLY A 207 -11.07 -15.74 20.60
CA GLY A 207 -11.18 -14.80 21.69
C GLY A 207 -11.99 -13.61 21.26
N ASP A 208 -12.03 -12.60 22.11
CA ASP A 208 -12.80 -11.37 21.83
C ASP A 208 -11.82 -10.22 21.89
N PRO A 209 -10.82 -10.21 20.97
CA PRO A 209 -9.79 -9.17 21.00
C PRO A 209 -10.35 -7.75 20.73
N PRO A 210 -9.63 -6.71 21.19
CA PRO A 210 -10.16 -5.34 21.01
C PRO A 210 -10.34 -4.89 19.54
N ARG A 211 -11.39 -4.11 19.34
CA ARG A 211 -11.69 -3.53 18.02
C ARG A 211 -11.38 -2.03 18.10
N LEU A 212 -11.03 -1.44 16.97
CA LEU A 212 -10.88 -0.01 16.90
C LEU A 212 -12.19 0.73 17.22
N ALA A 213 -12.04 1.94 17.73
CA ALA A 213 -13.14 2.90 17.78
C ALA A 213 -13.47 3.37 16.37
N GLU A 214 -14.54 4.14 16.24
CA GLU A 214 -14.89 4.73 14.94
C GLU A 214 -13.73 5.61 14.48
N ALA A 215 -13.65 5.83 13.18
CA ALA A 215 -12.56 6.64 12.58
C ALA A 215 -12.67 8.12 12.83
N ASP A 216 -13.75 8.59 13.46
CA ASP A 216 -13.98 10.05 13.51
C ASP A 216 -12.78 10.87 14.02
N GLU A 217 -12.24 10.49 15.17
CA GLU A 217 -11.18 11.27 15.85
CA GLU A 217 -11.19 11.29 15.83
C GLU A 217 -9.91 11.30 15.00
N LEU A 218 -9.58 10.15 14.42
CA LEU A 218 -8.43 10.03 13.55
C LEU A 218 -8.60 10.93 12.32
N LEU A 219 -9.80 10.93 11.74
CA LEU A 219 -10.05 11.79 10.59
C LEU A 219 -10.00 13.25 11.00
N GLY A 220 -10.41 13.57 12.21
CA GLY A 220 -10.26 14.94 12.68
C GLY A 220 -8.83 15.39 12.82
N ALA A 221 -7.97 14.51 13.33
CA ALA A 221 -6.55 14.82 13.52
C ALA A 221 -5.89 15.06 12.15
N LEU A 222 -6.27 14.25 11.18
CA LEU A 222 -5.80 14.42 9.83
C LEU A 222 -6.22 15.78 9.26
N ALA A 223 -7.49 16.16 9.43
CA ALA A 223 -8.01 17.42 8.90
C ALA A 223 -7.37 18.61 9.59
N ALA A 224 -6.92 18.42 10.81
CA ALA A 224 -6.18 19.45 11.57
C ALA A 224 -4.72 19.48 11.18
N GLY A 225 -4.26 18.48 10.43
CA GLY A 225 -2.85 18.41 10.05
C GLY A 225 -1.91 18.12 11.19
N ASP A 226 -2.36 17.36 12.19
CA ASP A 226 -1.67 17.29 13.48
C ASP A 226 -1.15 15.86 13.76
N ALA A 227 0.14 15.63 13.45
CA ALA A 227 0.75 14.29 13.59
C ALA A 227 0.75 13.85 15.02
N ARG A 228 0.95 14.77 15.96
CA ARG A 228 0.98 14.32 17.36
C ARG A 228 -0.39 13.80 17.83
N ARG A 229 -1.46 14.45 17.37
CA ARG A 229 -2.81 13.99 17.66
C ARG A 229 -3.11 12.70 16.92
N LEU A 230 -2.63 12.60 15.67
CA LEU A 230 -2.91 11.41 14.88
C LEU A 230 -2.28 10.13 15.47
N ALA A 231 -1.06 10.28 15.96
CA ALA A 231 -0.20 9.12 16.30
C ALA A 231 -0.89 8.06 17.18
N PRO A 232 -1.46 8.45 18.35
CA PRO A 232 -2.09 7.46 19.24
C PRO A 232 -3.44 6.91 18.71
N LEU A 233 -3.98 7.54 17.65
CA LEU A 233 -5.23 7.12 17.00
C LEU A 233 -4.98 6.11 15.86
N LEU A 234 -3.73 5.98 15.38
CA LEU A 234 -3.43 5.00 14.33
C LEU A 234 -3.79 3.58 14.81
N GLY A 235 -4.30 2.75 13.93
CA GLY A 235 -4.59 1.41 14.35
C GLY A 235 -4.94 0.53 13.22
N ASN A 236 -4.60 -0.76 13.37
CA ASN A 236 -4.74 -1.71 12.29
C ASN A 236 -5.15 -3.05 12.89
N GLU A 237 -6.40 -3.45 12.68
CA GLU A 237 -6.89 -4.70 13.25
C GLU A 237 -6.18 -5.92 12.71
N LEU A 238 -5.54 -5.83 11.53
CA LEU A 238 -4.71 -6.96 11.07
C LEU A 238 -3.39 -7.10 11.80
N GLN A 239 -2.98 -6.06 12.52
CA GLN A 239 -1.67 -6.11 13.16
C GLN A 239 -1.56 -7.32 14.11
N ALA A 240 -2.61 -7.58 14.88
CA ALA A 240 -2.58 -8.73 15.80
C ALA A 240 -2.36 -10.04 15.04
N ALA A 241 -2.91 -10.14 13.82
CA ALA A 241 -2.72 -11.32 12.99
C ALA A 241 -1.30 -11.42 12.46
N ALA A 242 -0.75 -10.30 11.96
CA ALA A 242 0.61 -10.27 11.46
C ALA A 242 1.62 -10.59 12.55
N VAL A 243 1.38 -10.07 13.77
CA VAL A 243 2.24 -10.33 14.91
C VAL A 243 2.12 -11.79 15.39
N SER A 244 0.91 -12.35 15.32
CA SER A 244 0.74 -13.78 15.60
C SER A 244 1.62 -14.64 14.66
N LEU A 245 1.59 -14.33 13.38
CA LEU A 245 2.36 -15.05 12.40
C LEU A 245 3.86 -14.75 12.50
N ASN A 246 4.21 -13.49 12.80
CA ASN A 246 5.62 -13.03 12.86
C ASN A 246 5.86 -12.27 14.17
N PRO A 247 6.03 -12.99 15.29
CA PRO A 247 6.10 -12.31 16.60
C PRO A 247 7.30 -11.38 16.78
N GLU A 248 8.35 -11.60 15.98
CA GLU A 248 9.52 -10.74 15.98
C GLU A 248 9.18 -9.29 15.59
N LEU A 249 8.04 -9.06 14.94
CA LEU A 249 7.63 -7.69 14.60
C LEU A 249 7.43 -6.82 15.83
N ARG A 250 7.15 -7.43 16.98
CA ARG A 250 7.05 -6.69 18.21
C ARG A 250 8.36 -5.97 18.54
N ARG A 251 9.49 -6.63 18.26
CA ARG A 251 10.83 -6.06 18.49
C ARG A 251 11.08 -4.86 17.56
N THR A 252 10.63 -4.98 16.35
CA THR A 252 10.76 -3.85 15.42
C THR A 252 9.93 -2.64 15.86
N LEU A 253 8.69 -2.89 16.26
CA LEU A 253 7.77 -1.84 16.70
C LEU A 253 8.36 -1.14 17.92
N ARG A 254 8.80 -1.95 18.86
CA ARG A 254 9.36 -1.41 20.09
C ARG A 254 10.61 -0.55 19.78
N ALA A 255 11.45 -1.03 18.86
CA ALA A 255 12.71 -0.33 18.54
C ALA A 255 12.44 1.06 17.91
N GLY A 256 11.52 1.13 16.95
CA GLY A 256 11.20 2.41 16.31
C GLY A 256 10.58 3.42 17.24
N GLU A 257 9.70 2.94 18.11
CA GLU A 257 9.09 3.77 19.13
C GLU A 257 10.15 4.29 20.11
N SER A 258 11.05 3.41 20.63
CA SER A 258 12.12 3.82 21.54
CA SER A 258 12.10 3.87 21.54
C SER A 258 13.10 4.81 20.87
N ALA A 259 13.26 4.69 19.55
CA ALA A 259 14.10 5.60 18.75
C ALA A 259 13.48 7.01 18.63
N GLY A 260 12.21 7.17 19.02
CA GLY A 260 11.57 8.48 19.06
C GLY A 260 10.36 8.67 18.14
N ALA A 261 9.94 7.62 17.43
CA ALA A 261 8.69 7.67 16.63
C ALA A 261 7.52 7.98 17.57
N LEU A 262 6.59 8.78 17.09
CA LEU A 262 5.37 9.08 17.82
C LEU A 262 4.55 7.82 18.01
N ALA A 263 4.56 6.95 16.98
CA ALA A 263 3.83 5.68 17.00
C ALA A 263 4.35 4.74 15.94
N GLY A 264 4.17 3.43 16.17
CA GLY A 264 4.49 2.44 15.19
C GLY A 264 3.26 1.57 14.94
N ILE A 265 3.05 1.17 13.70
CA ILE A 265 1.97 0.24 13.34
C ILE A 265 2.46 -0.66 12.24
N VAL A 266 1.92 -1.87 12.16
CA VAL A 266 2.15 -2.69 10.98
C VAL A 266 1.34 -2.12 9.83
N SER A 267 1.93 -2.09 8.63
CA SER A 267 1.26 -1.60 7.42
C SER A 267 0.44 -2.72 6.82
N GLY A 268 -0.86 -2.50 6.69
CA GLY A 268 -1.70 -3.44 5.95
C GLY A 268 -1.60 -4.82 6.55
N SER A 269 -1.40 -5.80 5.67
CA SER A 269 -1.27 -7.18 6.11
C SER A 269 0.17 -7.49 6.56
N GLY A 270 1.08 -6.51 6.52
CA GLY A 270 2.41 -6.70 7.05
C GLY A 270 3.33 -7.41 6.09
N PRO A 271 4.56 -7.63 6.51
CA PRO A 271 5.13 -7.37 7.82
C PRO A 271 5.88 -6.03 7.94
N THR A 272 5.74 -5.13 6.97
CA THR A 272 6.40 -3.84 7.09
C THR A 272 5.85 -3.08 8.28
N CYS A 273 6.73 -2.43 9.05
CA CYS A 273 6.32 -1.55 10.12
C CYS A 273 6.48 -0.11 9.70
N ALA A 274 5.46 0.70 10.03
CA ALA A 274 5.43 2.13 9.70
C ALA A 274 5.51 2.94 11.00
N PHE A 275 6.29 4.03 10.98
CA PHE A 275 6.48 4.84 12.15
C PHE A 275 6.22 6.30 11.78
N LEU A 276 5.26 6.91 12.44
CA LEU A 276 4.96 8.34 12.21
C LEU A 276 5.86 9.16 13.08
N CYS A 277 6.44 10.18 12.47
CA CYS A 277 7.46 11.03 13.16
C CYS A 277 6.92 12.46 13.19
N THR A 278 7.53 13.34 13.94
CA THR A 278 7.02 14.72 14.01
C THR A 278 7.46 15.63 12.89
N SER A 279 8.56 15.30 12.22
CA SER A 279 9.14 16.18 11.23
C SER A 279 10.08 15.38 10.36
N ALA A 280 10.52 16.00 9.27
CA ALA A 280 11.49 15.34 8.38
C ALA A 280 12.77 15.02 9.16
N ASP A 281 13.26 15.99 9.94
CA ASP A 281 14.47 15.74 10.74
C ASP A 281 14.29 14.63 11.73
N ASP A 282 13.11 14.53 12.32
CA ASP A 282 12.81 13.47 13.27
C ASP A 282 12.92 12.07 12.60
N ALA A 283 12.39 11.97 11.39
CA ALA A 283 12.44 10.71 10.61
C ALA A 283 13.88 10.33 10.26
N VAL A 284 14.74 11.34 10.04
CA VAL A 284 16.17 11.10 9.74
C VAL A 284 16.82 10.47 10.94
N GLN A 285 16.48 10.99 12.11
CA GLN A 285 17.00 10.43 13.34
C GLN A 285 16.42 9.06 13.67
N VAL A 286 15.08 8.93 13.56
CA VAL A 286 14.46 7.64 13.88
C VAL A 286 14.94 6.54 12.95
N SER A 287 15.03 6.80 11.64
CA SER A 287 15.49 5.79 10.71
C SER A 287 16.93 5.31 10.99
N ALA A 288 17.80 6.25 11.35
CA ALA A 288 19.21 5.91 11.67
C ALA A 288 19.29 5.03 12.92
N GLU A 289 18.55 5.39 13.98
CA GLU A 289 18.53 4.59 15.22
C GLU A 289 17.96 3.20 14.94
N LEU A 290 16.87 3.15 14.18
CA LEU A 290 16.28 1.87 13.85
C LEU A 290 17.20 0.97 13.02
N ALA A 291 17.93 1.54 12.03
CA ALA A 291 18.88 0.75 11.22
C ALA A 291 20.00 0.17 12.10
N GLY A 292 20.39 0.89 13.14
CA GLY A 292 21.42 0.43 14.06
C GLY A 292 20.96 -0.64 15.07
N ALA A 293 19.65 -0.77 15.25
CA ALA A 293 19.05 -1.66 16.25
C ALA A 293 19.09 -3.19 15.94
N GLY A 294 19.32 -3.58 14.69
CA GLY A 294 19.37 -5.01 14.32
C GLY A 294 18.04 -5.76 14.41
N VAL A 295 16.96 -5.08 14.10
CA VAL A 295 15.62 -5.67 14.24
C VAL A 295 14.82 -5.75 12.95
N CYS A 296 15.36 -5.27 11.83
CA CYS A 296 14.64 -5.35 10.56
C CYS A 296 15.64 -5.47 9.44
N ARG A 297 15.17 -5.65 8.22
CA ARG A 297 16.07 -5.93 7.13
C ARG A 297 16.72 -4.64 6.62
N THR A 298 15.89 -3.63 6.40
CA THR A 298 16.36 -2.38 5.86
C THR A 298 15.32 -1.29 6.14
N VAL A 299 15.76 -0.04 6.21
CA VAL A 299 14.91 1.05 6.61
C VAL A 299 14.78 2.09 5.49
N ARG A 300 13.61 2.74 5.47
CA ARG A 300 13.31 3.80 4.47
C ARG A 300 12.71 5.00 5.17
N VAL A 301 12.99 6.17 4.61
CA VAL A 301 12.31 7.39 4.96
C VAL A 301 11.37 7.78 3.82
N ALA A 302 10.20 8.32 4.18
CA ALA A 302 9.21 8.76 3.18
C ALA A 302 8.31 9.83 3.78
N SER A 303 7.45 10.39 2.95
CA SER A 303 6.48 11.35 3.42
C SER A 303 5.18 11.12 2.64
N GLY A 304 4.09 11.64 3.19
CA GLY A 304 2.81 11.67 2.48
C GLY A 304 1.98 12.84 2.97
N PRO A 305 0.87 13.10 2.32
CA PRO A 305 0.30 12.33 1.22
C PRO A 305 0.97 12.65 -0.09
N VAL A 306 1.04 11.69 -1.01
CA VAL A 306 1.51 11.95 -2.34
C VAL A 306 0.43 11.61 -3.36
N HIS A 307 0.61 12.03 -4.60
CA HIS A 307 -0.35 11.75 -5.67
C HIS A 307 -0.48 10.30 -5.99
N GLY A 308 -1.66 9.92 -6.47
CA GLY A 308 -1.83 8.60 -7.08
C GLY A 308 -1.06 8.45 -8.38
N ALA A 309 -1.26 7.32 -9.03
CA ALA A 309 -0.54 6.95 -10.24
C ALA A 309 -0.61 8.09 -11.26
N GLN A 310 0.55 8.58 -11.69
CA GLN A 310 0.65 9.77 -12.54
C GLN A 310 1.82 9.60 -13.51
N VAL A 311 1.66 10.07 -14.74
CA VAL A 311 2.77 10.05 -15.72
C VAL A 311 3.84 11.04 -15.27
N ILE A 312 5.11 10.63 -15.31
CA ILE A 312 6.25 11.48 -14.93
C ILE A 312 7.28 11.69 -16.09
N GLN A 313 7.22 10.85 -17.12
CA GLN A 313 8.09 10.97 -18.29
C GLN A 313 7.32 10.35 -19.47
N GLY A 314 7.43 10.96 -20.66
CA GLY A 314 6.61 10.58 -21.78
C GLY A 314 5.21 11.16 -21.68
#